data_7JT8
#
_entry.id   7JT8
#
_cell.length_a   119.783
_cell.length_b   119.783
_cell.length_c   70.746
_cell.angle_alpha   90.000
_cell.angle_beta   90.000
_cell.angle_gamma   120.000
#
_symmetry.space_group_name_H-M   'P 61'
#
loop_
_entity.id
_entity.type
_entity.pdbx_description
1 polymer 'Mur ligase middle domain protein'
2 non-polymer 'MAGNESIUM ION'
3 non-polymer 'SULFATE ION'
4 water water
#
_entity_poly.entity_id   1
_entity_poly.type   'polypeptide(L)'
_entity_poly.pdbx_seq_one_letter_code
;ATPAGSHMRLSELASYVSGKLIGEDKEIKVGIFNTLGDANPNDIVIRHWIDEKGVEIAKNKEVSALITQNPKGNSLEYAK
KLKVPIILVNKIELASAFAIKWTIKNFAPNTYRVVITGTNGKSTTTHMIYHILTHAGKKAFTNTDAKSEFNTLIDPMVAK
LLAEKAKKENLEYLVIEVSEVQGWLDRLMKDHAYLMTKSINPNVVVVTNVALDHIGLVNSIEEVFEETSGAVKALEKGFA
VLNYDNEFTRKMAKLTNKNVKVFFYGKNCPVTFKSGGIYVNNDLFIKKEELPFKSEYFIQNTLAAISACLCLNIPPDIIK
KGILTYKPLKRRFSILCKKPLIIDDFAHNPDGIKMAIKSAKKLTKNKLWVVCAIRGSRGKIINKLNAESLSKTLKNIENY
EVVITNSDDVVDNLNKVKKEEEKTFLKTLEKYNINYRFHKKLKTALEETLTNCKKDDTILLIGAQGMDPASKLLKKIKVI
PCS
;
_entity_poly.pdbx_strand_id   I
#
loop_
_chem_comp.id
_chem_comp.type
_chem_comp.name
_chem_comp.formula
MG non-polymer 'MAGNESIUM ION' 'Mg 2'
SO4 non-polymer 'SULFATE ION' 'O4 S -2'
#
# COMPACT_ATOMS: atom_id res chain seq x y z
N ALA A 1 -12.55 12.48 24.25
CA ALA A 1 -11.39 11.75 24.74
C ALA A 1 -11.53 10.25 24.49
N THR A 2 -10.44 9.52 24.72
CA THR A 2 -10.39 8.09 24.50
C THR A 2 -10.33 7.39 25.85
N PRO A 3 -11.33 6.58 26.21
CA PRO A 3 -11.33 5.96 27.54
C PRO A 3 -10.23 4.93 27.70
N ALA A 4 -9.78 4.78 28.95
CA ALA A 4 -8.95 3.66 29.37
C ALA A 4 -9.81 2.68 30.16
N GLY A 5 -9.57 1.40 29.96
CA GLY A 5 -10.28 0.36 30.67
C GLY A 5 -11.09 -0.52 29.73
N SER A 6 -11.66 -1.57 30.33
CA SER A 6 -12.36 -2.58 29.55
C SER A 6 -13.88 -2.46 29.66
N HIS A 7 -14.40 -1.27 29.99
CA HIS A 7 -15.84 -1.03 30.02
C HIS A 7 -16.14 0.34 29.43
N MET A 8 -17.36 0.49 28.90
CA MET A 8 -17.92 1.80 28.57
C MET A 8 -19.42 1.62 28.43
N ARG A 9 -20.16 2.73 28.46
CA ARG A 9 -21.60 2.72 28.16
C ARG A 9 -21.80 2.64 26.66
N LEU A 10 -22.85 1.93 26.24
CA LEU A 10 -23.20 1.91 24.83
C LEU A 10 -23.42 3.31 24.27
N SER A 11 -24.05 4.20 25.05
CA SER A 11 -24.26 5.56 24.57
C SER A 11 -22.94 6.31 24.42
N GLU A 12 -21.96 6.03 25.30
CA GLU A 12 -20.65 6.64 25.15
C GLU A 12 -19.94 6.12 23.89
N LEU A 13 -19.97 4.80 23.69
CA LEU A 13 -19.40 4.24 22.47
C LEU A 13 -20.01 4.87 21.22
N ALA A 14 -21.35 4.99 21.21
CA ALA A 14 -22.01 5.58 20.05
C ALA A 14 -21.50 6.99 19.80
N SER A 15 -21.34 7.78 20.85
CA SER A 15 -20.83 9.14 20.71
CA SER A 15 -20.84 9.14 20.67
C SER A 15 -19.37 9.12 20.23
N TYR A 16 -18.55 8.21 20.80
CA TYR A 16 -17.15 8.11 20.38
C TYR A 16 -17.01 7.89 18.87
N VAL A 17 -17.97 7.21 18.24
CA VAL A 17 -17.82 6.81 16.84
C VAL A 17 -18.73 7.61 15.92
N SER A 18 -19.39 8.65 16.43
CA SER A 18 -20.27 9.54 15.68
C SER A 18 -21.59 8.87 15.32
N GLY A 19 -22.03 7.88 16.10
CA GLY A 19 -23.19 7.10 15.76
C GLY A 19 -24.39 7.32 16.68
N LYS A 20 -25.46 6.62 16.34
CA LYS A 20 -26.71 6.60 17.12
C LYS A 20 -26.92 5.21 17.68
N LEU A 21 -27.23 5.12 18.97
CA LEU A 21 -27.47 3.81 19.58
C LEU A 21 -28.91 3.35 19.29
N ILE A 22 -29.04 2.11 18.81
CA ILE A 22 -30.34 1.48 18.62
C ILE A 22 -30.46 0.39 19.69
N GLY A 23 -31.40 0.55 20.60
CA GLY A 23 -31.55 -0.34 21.73
C GLY A 23 -31.30 0.39 23.04
N GLU A 24 -31.41 -0.37 24.12
CA GLU A 24 -31.30 0.22 25.45
C GLU A 24 -29.83 0.39 25.85
N ASP A 25 -29.56 1.48 26.55
CA ASP A 25 -28.22 1.78 27.03
C ASP A 25 -27.84 0.82 28.16
N LYS A 26 -26.54 0.59 28.30
CA LYS A 26 -26.02 -0.44 29.20
C LYS A 26 -24.53 -0.18 29.33
N GLU A 27 -23.98 -0.47 30.50
CA GLU A 27 -22.54 -0.51 30.70
C GLU A 27 -22.01 -1.85 30.20
N ILE A 28 -21.18 -1.84 29.15
CA ILE A 28 -20.74 -3.10 28.54
C ILE A 28 -19.29 -3.36 28.89
N LYS A 29 -18.95 -4.64 28.98
CA LYS A 29 -17.57 -5.09 28.94
C LYS A 29 -17.10 -5.13 27.49
N VAL A 30 -15.86 -4.72 27.26
CA VAL A 30 -15.30 -4.67 25.92
C VAL A 30 -14.10 -5.61 25.84
N GLY A 31 -14.05 -6.41 24.77
CA GLY A 31 -12.88 -7.20 24.45
C GLY A 31 -11.96 -6.43 23.51
N ILE A 32 -12.04 -6.74 22.22
CA ILE A 32 -11.33 -5.99 21.18
C ILE A 32 -12.31 -5.64 20.07
N PHE A 33 -11.86 -4.78 19.16
CA PHE A 33 -12.61 -4.54 17.93
C PHE A 33 -12.28 -5.66 16.95
N ASN A 34 -13.31 -6.33 16.45
CA ASN A 34 -13.08 -7.59 15.75
C ASN A 34 -13.98 -7.65 14.53
N THR A 35 -13.78 -8.70 13.74
CA THR A 35 -14.72 -9.07 12.70
C THR A 35 -15.77 -9.99 13.30
N LEU A 36 -16.91 -10.08 12.64
CA LEU A 36 -17.94 -11.00 13.10
C LEU A 36 -17.45 -12.45 13.06
N GLY A 37 -16.70 -12.81 12.03
CA GLY A 37 -16.28 -14.19 11.89
C GLY A 37 -15.34 -14.66 12.99
N ASP A 38 -14.61 -13.74 13.60
CA ASP A 38 -13.62 -14.08 14.62
C ASP A 38 -14.02 -13.62 16.01
N ALA A 39 -15.20 -13.05 16.18
CA ALA A 39 -15.53 -12.36 17.44
C ALA A 39 -15.58 -13.32 18.61
N ASN A 40 -14.99 -12.89 19.70
CA ASN A 40 -15.07 -13.47 21.02
C ASN A 40 -16.07 -12.69 21.86
N PRO A 41 -16.57 -13.28 22.95
CA PRO A 41 -17.52 -12.58 23.80
C PRO A 41 -16.98 -11.21 24.19
N ASN A 42 -17.86 -10.22 24.16
CA ASN A 42 -17.64 -8.82 24.50
C ASN A 42 -16.90 -8.05 23.41
N ASP A 43 -16.54 -8.66 22.29
CA ASP A 43 -15.89 -7.89 21.24
C ASP A 43 -16.89 -6.94 20.59
N ILE A 44 -16.38 -5.84 20.06
CA ILE A 44 -17.18 -4.89 19.29
C ILE A 44 -16.88 -5.13 17.82
N VAL A 45 -17.92 -5.24 16.99
CA VAL A 45 -17.75 -5.54 15.57
C VAL A 45 -18.16 -4.32 14.75
N ILE A 46 -17.23 -3.81 13.92
CA ILE A 46 -17.52 -2.78 12.93
C ILE A 46 -17.66 -3.46 11.58
N ARG A 47 -18.75 -3.17 10.88
CA ARG A 47 -19.05 -3.81 9.60
C ARG A 47 -19.81 -2.80 8.74
N HIS A 48 -19.37 -2.64 7.48
CA HIS A 48 -20.07 -1.76 6.56
C HIS A 48 -21.57 -2.01 6.56
N TRP A 49 -21.99 -3.26 6.41
CA TRP A 49 -23.40 -3.61 6.43
C TRP A 49 -23.59 -4.87 7.27
N ILE A 50 -24.82 -5.06 7.75
CA ILE A 50 -25.24 -6.24 8.50
C ILE A 50 -26.61 -6.66 7.98
N ASP A 51 -26.95 -7.92 8.19
CA ASP A 51 -28.29 -8.42 7.91
C ASP A 51 -28.73 -9.24 9.12
N GLU A 52 -29.94 -9.81 9.04
CA GLU A 52 -30.50 -10.48 10.21
C GLU A 52 -29.64 -11.65 10.65
N LYS A 53 -28.98 -12.33 9.70
CA LYS A 53 -28.11 -13.43 10.05
C LYS A 53 -26.93 -12.92 10.86
N GLY A 54 -26.37 -11.77 10.48
CA GLY A 54 -25.29 -11.19 11.25
C GLY A 54 -25.72 -10.80 12.65
N VAL A 55 -26.94 -10.27 12.79
CA VAL A 55 -27.45 -9.94 14.11
C VAL A 55 -27.52 -11.21 14.95
N GLU A 56 -28.01 -12.31 14.37
CA GLU A 56 -28.15 -13.54 15.12
C GLU A 56 -26.79 -14.11 15.54
N ILE A 57 -25.81 -14.08 14.62
CA ILE A 57 -24.48 -14.57 14.97
C ILE A 57 -23.86 -13.71 16.05
N ALA A 58 -24.02 -12.38 15.95
CA ALA A 58 -23.54 -11.50 17.00
C ALA A 58 -24.13 -11.88 18.36
N LYS A 59 -25.42 -12.19 18.41
CA LYS A 59 -26.02 -12.63 19.67
C LYS A 59 -25.37 -13.91 20.17
N ASN A 60 -25.26 -14.91 19.30
CA ASN A 60 -24.67 -16.19 19.67
C ASN A 60 -23.24 -16.03 20.13
N LYS A 61 -22.50 -15.08 19.55
CA LYS A 61 -21.11 -14.87 19.90
C LYS A 61 -20.91 -13.88 21.06
N GLU A 62 -22.00 -13.36 21.62
CA GLU A 62 -21.98 -12.45 22.76
C GLU A 62 -21.22 -11.16 22.45
N VAL A 63 -21.27 -10.75 21.19
CA VAL A 63 -20.71 -9.47 20.78
C VAL A 63 -21.35 -8.38 21.61
N SER A 64 -20.53 -7.43 22.06
CA SER A 64 -21.03 -6.35 22.91
CA SER A 64 -21.05 -6.36 22.92
C SER A 64 -21.80 -5.30 22.13
N ALA A 65 -21.39 -5.04 20.89
CA ALA A 65 -22.05 -4.04 20.07
C ALA A 65 -21.67 -4.28 18.62
N LEU A 66 -22.61 -4.00 17.72
CA LEU A 66 -22.40 -4.01 16.28
C LEU A 66 -22.45 -2.58 15.79
N ILE A 67 -21.40 -2.13 15.10
CA ILE A 67 -21.34 -0.78 14.53
C ILE A 67 -21.43 -0.92 13.03
N THR A 68 -22.40 -0.25 12.40
CA THR A 68 -22.64 -0.47 10.98
C THR A 68 -23.22 0.77 10.32
N GLN A 69 -23.05 0.85 9.01
CA GLN A 69 -23.66 1.91 8.22
CA GLN A 69 -23.62 1.88 8.14
C GLN A 69 -24.97 1.48 7.57
N ASN A 70 -25.17 0.18 7.32
CA ASN A 70 -26.32 -0.29 6.55
C ASN A 70 -26.96 -1.51 7.22
N PRO A 71 -27.98 -1.31 8.05
CA PRO A 71 -28.70 -2.45 8.62
C PRO A 71 -29.77 -2.97 7.66
N LYS A 72 -29.44 -4.00 6.90
CA LYS A 72 -30.32 -4.51 5.85
C LYS A 72 -31.57 -5.16 6.42
N GLY A 73 -32.64 -5.15 5.62
CA GLY A 73 -33.84 -5.88 5.99
C GLY A 73 -34.41 -5.47 7.34
N ASN A 74 -34.69 -6.47 8.19
CA ASN A 74 -35.28 -6.27 9.50
CA ASN A 74 -35.27 -6.21 9.50
C ASN A 74 -34.24 -6.26 10.61
N SER A 75 -32.98 -5.95 10.29
CA SER A 75 -31.89 -6.07 11.26
C SER A 75 -32.14 -5.26 12.53
N LEU A 76 -32.60 -4.01 12.38
CA LEU A 76 -32.72 -3.15 13.55
C LEU A 76 -33.76 -3.68 14.54
N GLU A 77 -34.97 -3.95 14.07
CA GLU A 77 -36.00 -4.47 14.97
C GLU A 77 -35.61 -5.83 15.54
N TYR A 78 -34.98 -6.66 14.71
CA TYR A 78 -34.55 -7.97 15.17
C TYR A 78 -33.50 -7.84 16.27
N ALA A 79 -32.53 -6.95 16.08
CA ALA A 79 -31.50 -6.73 17.09
C ALA A 79 -32.08 -6.18 18.38
N LYS A 80 -33.08 -5.29 18.27
CA LYS A 80 -33.70 -4.74 19.48
C LYS A 80 -34.38 -5.85 20.28
N LYS A 81 -35.04 -6.79 19.60
CA LYS A 81 -35.67 -7.89 20.31
C LYS A 81 -34.64 -8.84 20.92
N LEU A 82 -33.56 -9.14 20.19
CA LEU A 82 -32.51 -9.99 20.73
C LEU A 82 -31.61 -9.27 21.72
N LYS A 83 -31.77 -7.96 21.89
CA LYS A 83 -30.88 -7.15 22.72
C LYS A 83 -29.43 -7.21 22.24
N VAL A 84 -29.24 -7.10 20.92
CA VAL A 84 -27.91 -6.86 20.34
C VAL A 84 -27.82 -5.36 20.05
N PRO A 85 -26.96 -4.61 20.74
CA PRO A 85 -26.87 -3.18 20.47
C PRO A 85 -26.37 -2.93 19.06
N ILE A 86 -27.07 -2.04 18.34
CA ILE A 86 -26.64 -1.57 17.03
C ILE A 86 -26.31 -0.10 17.18
N ILE A 87 -25.13 0.29 16.71
CA ILE A 87 -24.75 1.70 16.61
C ILE A 87 -24.69 2.03 15.12
N LEU A 88 -25.57 2.92 14.69
CA LEU A 88 -25.64 3.31 13.28
C LEU A 88 -24.73 4.50 13.03
N VAL A 89 -23.80 4.38 12.08
CA VAL A 89 -22.92 5.47 11.73
C VAL A 89 -23.15 5.83 10.26
N ASN A 90 -22.79 7.06 9.91
CA ASN A 90 -22.76 7.44 8.50
C ASN A 90 -21.37 7.33 7.91
N LYS A 91 -20.34 7.67 8.68
CA LYS A 91 -18.95 7.72 8.23
C LYS A 91 -18.18 6.66 9.02
N ILE A 92 -18.18 5.43 8.49
CA ILE A 92 -17.58 4.29 9.17
C ILE A 92 -16.11 4.48 9.45
N GLU A 93 -15.42 5.33 8.68
CA GLU A 93 -14.01 5.55 8.96
C GLU A 93 -13.80 6.16 10.34
N LEU A 94 -14.79 6.90 10.86
CA LEU A 94 -14.62 7.42 12.21
C LEU A 94 -14.67 6.32 13.26
N ALA A 95 -15.46 5.27 13.04
CA ALA A 95 -15.46 4.16 13.98
C ALA A 95 -14.15 3.40 13.95
N SER A 96 -13.63 3.12 12.74
CA SER A 96 -12.35 2.43 12.62
CA SER A 96 -12.35 2.43 12.63
C SER A 96 -11.22 3.25 13.22
N ALA A 97 -11.26 4.58 13.03
CA ALA A 97 -10.21 5.43 13.59
C ALA A 97 -10.26 5.44 15.10
N PHE A 98 -11.47 5.57 15.69
CA PHE A 98 -11.58 5.47 17.14
C PHE A 98 -11.08 4.11 17.63
N ALA A 99 -11.42 3.03 16.90
CA ALA A 99 -10.96 1.71 17.31
C ALA A 99 -9.45 1.63 17.35
N ILE A 100 -8.78 2.26 16.38
CA ILE A 100 -7.32 2.28 16.40
C ILE A 100 -6.82 3.08 17.61
N LYS A 101 -7.36 4.28 17.83
CA LYS A 101 -6.89 5.10 18.95
C LYS A 101 -7.07 4.37 20.27
N TRP A 102 -8.26 3.79 20.46
CA TRP A 102 -8.60 3.11 21.70
C TRP A 102 -7.72 1.88 21.91
N THR A 103 -7.47 1.13 20.84
CA THR A 103 -6.59 -0.04 20.92
C THR A 103 -5.16 0.36 21.26
N ILE A 104 -4.65 1.42 20.65
CA ILE A 104 -3.30 1.88 20.99
C ILE A 104 -3.25 2.28 22.46
N LYS A 105 -4.21 3.11 22.89
CA LYS A 105 -4.19 3.62 24.25
C LYS A 105 -4.25 2.49 25.27
N ASN A 106 -5.08 1.49 25.04
CA ASN A 106 -5.33 0.45 26.02
C ASN A 106 -4.42 -0.75 25.89
N PHE A 107 -3.80 -0.98 24.75
CA PHE A 107 -3.01 -2.19 24.58
C PHE A 107 -1.57 -1.97 24.11
N ALA A 108 -1.24 -0.82 23.55
CA ALA A 108 0.13 -0.57 23.13
C ALA A 108 0.52 0.90 23.27
N PRO A 109 0.31 1.52 24.43
CA PRO A 109 0.54 2.97 24.49
C PRO A 109 2.01 3.34 24.51
N ASN A 110 2.88 2.47 25.03
CA ASN A 110 4.32 2.77 25.15
C ASN A 110 5.06 2.22 23.93
N THR A 111 4.77 2.83 22.78
CA THR A 111 5.33 2.44 21.50
C THR A 111 5.84 3.67 20.76
N TYR A 112 6.92 3.50 20.00
CA TYR A 112 7.30 4.45 18.95
C TYR A 112 6.56 4.05 17.67
N ARG A 113 6.15 5.04 16.88
CA ARG A 113 5.18 4.81 15.81
C ARG A 113 5.63 5.51 14.53
N VAL A 114 5.58 4.77 13.43
CA VAL A 114 5.89 5.31 12.11
C VAL A 114 4.67 5.11 11.22
N VAL A 115 4.30 6.16 10.50
CA VAL A 115 3.29 6.08 9.44
C VAL A 115 4.02 6.22 8.11
N ILE A 116 3.68 5.37 7.14
CA ILE A 116 4.30 5.40 5.82
C ILE A 116 3.18 5.57 4.81
N THR A 117 3.29 6.60 3.96
CA THR A 117 2.33 6.79 2.88
C THR A 117 3.07 7.23 1.61
N GLY A 118 2.31 7.38 0.54
CA GLY A 118 2.88 7.75 -0.74
C GLY A 118 2.17 6.97 -1.82
N THR A 119 2.44 7.26 -3.10
CA THR A 119 1.70 6.56 -4.14
C THR A 119 2.34 5.21 -4.47
N ASN A 120 3.63 5.20 -4.77
CA ASN A 120 4.37 3.97 -4.97
C ASN A 120 5.37 3.83 -3.83
N GLY A 121 5.62 2.58 -3.42
CA GLY A 121 6.67 2.32 -2.45
C GLY A 121 6.24 2.27 -1.00
N LYS A 122 4.97 2.54 -0.69
CA LYS A 122 4.68 2.60 0.74
C LYS A 122 4.62 1.20 1.35
N SER A 123 4.22 0.18 0.60
CA SER A 123 4.20 -1.18 1.17
C SER A 123 5.62 -1.71 1.37
N THR A 124 6.47 -1.53 0.35
CA THR A 124 7.84 -2.02 0.48
C THR A 124 8.57 -1.26 1.60
N THR A 125 8.39 0.06 1.68
CA THR A 125 9.06 0.83 2.71
C THR A 125 8.57 0.42 4.11
N THR A 126 7.25 0.25 4.26
CA THR A 126 6.70 -0.28 5.51
C THR A 126 7.34 -1.61 5.86
N HIS A 127 7.38 -2.53 4.89
CA HIS A 127 7.92 -3.86 5.09
C HIS A 127 9.40 -3.81 5.45
N MET A 128 10.16 -2.93 4.80
CA MET A 128 11.58 -2.80 5.10
C MET A 128 11.82 -2.30 6.52
N ILE A 129 11.07 -1.29 6.96
CA ILE A 129 11.24 -0.75 8.31
C ILE A 129 10.87 -1.81 9.34
N TYR A 130 9.73 -2.48 9.12
CA TYR A 130 9.32 -3.54 10.02
C TYR A 130 10.39 -4.61 10.10
N HIS A 131 10.96 -4.98 8.95
CA HIS A 131 11.97 -6.02 8.95
C HIS A 131 13.22 -5.59 9.70
N ILE A 132 13.66 -4.34 9.52
CA ILE A 132 14.86 -3.88 10.24
C ILE A 132 14.65 -4.02 11.74
N LEU A 133 13.47 -3.59 12.22
CA LEU A 133 13.21 -3.59 13.65
C LEU A 133 13.10 -5.00 14.20
N THR A 134 12.37 -5.88 13.52
CA THR A 134 12.17 -7.22 14.07
C THR A 134 13.42 -8.09 13.91
N HIS A 135 14.19 -7.88 12.84
CA HIS A 135 15.48 -8.56 12.71
C HIS A 135 16.41 -8.17 13.84
N ALA A 136 16.30 -6.94 14.33
CA ALA A 136 17.06 -6.50 15.50
C ALA A 136 16.50 -7.03 16.82
N GLY A 137 15.49 -7.90 16.78
CA GLY A 137 14.88 -8.39 18.00
C GLY A 137 13.89 -7.45 18.65
N LYS A 138 13.51 -6.36 18.00
CA LYS A 138 12.48 -5.51 18.57
C LYS A 138 11.11 -6.13 18.35
N LYS A 139 10.18 -5.76 19.21
CA LYS A 139 8.79 -6.22 19.13
C LYS A 139 7.99 -5.14 18.40
N ALA A 140 7.37 -5.52 17.29
CA ALA A 140 6.73 -4.51 16.47
C ALA A 140 5.46 -5.08 15.84
N PHE A 141 4.58 -4.18 15.46
CA PHE A 141 3.36 -4.52 14.75
C PHE A 141 3.35 -3.78 13.42
N THR A 142 2.92 -4.47 12.37
CA THR A 142 2.67 -3.79 11.10
C THR A 142 1.38 -4.35 10.51
N ASN A 143 0.79 -3.53 9.64
CA ASN A 143 -0.48 -3.84 8.97
C ASN A 143 -0.30 -4.29 7.53
N THR A 144 0.94 -4.57 7.11
CA THR A 144 1.21 -5.04 5.75
C THR A 144 2.20 -6.19 5.80
N ASP A 145 1.93 -7.26 5.06
CA ASP A 145 2.90 -8.33 4.87
C ASP A 145 2.81 -8.79 3.42
N ALA A 146 3.35 -9.98 3.15
CA ALA A 146 3.40 -10.49 1.77
C ALA A 146 2.01 -10.80 1.23
N LYS A 147 1.03 -11.01 2.09
CA LYS A 147 -0.30 -11.39 1.66
C LYS A 147 -1.33 -10.27 1.75
N SER A 148 -1.11 -9.27 2.60
CA SER A 148 -2.17 -8.35 2.96
C SER A 148 -1.65 -6.92 3.05
N GLU A 149 -2.55 -5.97 2.82
CA GLU A 149 -2.21 -4.55 2.88
C GLU A 149 -3.41 -3.83 3.52
N PHE A 150 -3.48 -3.86 4.85
CA PHE A 150 -4.66 -3.35 5.57
C PHE A 150 -4.43 -1.88 5.91
N ASN A 151 -4.44 -1.04 4.87
CA ASN A 151 -3.96 0.33 4.99
C ASN A 151 -5.09 1.36 5.01
N THR A 152 -6.31 0.96 5.38
CA THR A 152 -7.46 1.86 5.30
C THR A 152 -8.25 1.85 6.60
N LEU A 153 -9.13 2.85 6.72
CA LEU A 153 -10.11 2.96 7.77
C LEU A 153 -11.49 2.42 7.35
N ILE A 154 -11.60 1.69 6.25
CA ILE A 154 -12.91 1.21 5.80
C ILE A 154 -13.41 0.01 6.57
N ASP A 155 -12.54 -0.61 7.38
CA ASP A 155 -12.88 -1.78 8.17
C ASP A 155 -12.04 -1.74 9.43
N PRO A 156 -12.29 -2.63 10.38
CA PRO A 156 -11.54 -2.54 11.64
C PRO A 156 -10.27 -3.38 11.65
N MET A 157 -9.73 -3.73 10.48
CA MET A 157 -8.67 -4.75 10.46
C MET A 157 -7.42 -4.30 11.20
N VAL A 158 -7.07 -3.01 11.12
CA VAL A 158 -5.90 -2.52 11.85
C VAL A 158 -6.13 -2.69 13.35
N ALA A 159 -7.28 -2.23 13.84
CA ALA A 159 -7.53 -2.33 15.28
C ALA A 159 -7.57 -3.78 15.74
N LYS A 160 -8.17 -4.65 14.93
CA LYS A 160 -8.24 -6.07 15.26
C LYS A 160 -6.86 -6.70 15.33
N LEU A 161 -6.07 -6.54 14.28
CA LEU A 161 -4.76 -7.18 14.25
C LEU A 161 -3.83 -6.59 15.30
N LEU A 162 -3.87 -5.27 15.49
CA LEU A 162 -3.06 -4.65 16.53
C LEU A 162 -3.39 -5.21 17.90
N ALA A 163 -4.69 -5.29 18.23
CA ALA A 163 -5.08 -5.80 19.55
C ALA A 163 -4.59 -7.22 19.75
N GLU A 164 -4.75 -8.05 18.73
CA GLU A 164 -4.40 -9.46 18.84
C GLU A 164 -2.91 -9.63 19.15
N LYS A 165 -2.06 -8.86 18.47
CA LYS A 165 -0.63 -9.00 18.74
C LYS A 165 -0.24 -8.31 20.04
N ALA A 166 -0.86 -7.17 20.34
CA ALA A 166 -0.50 -6.42 21.55
C ALA A 166 -0.86 -7.18 22.82
N LYS A 167 -1.89 -8.03 22.76
CA LYS A 167 -2.18 -8.89 23.91
C LYS A 167 -1.11 -9.94 24.11
N LYS A 168 -0.43 -10.35 23.05
CA LYS A 168 0.57 -11.43 23.16
C LYS A 168 1.99 -10.93 23.40
N GLU A 169 2.30 -9.69 23.01
CA GLU A 169 3.67 -9.16 23.08
C GLU A 169 3.66 -7.78 23.70
N ASN A 170 4.77 -7.42 24.32
CA ASN A 170 5.03 -6.05 24.76
C ASN A 170 5.58 -5.27 23.58
N LEU A 171 4.68 -4.70 22.76
CA LEU A 171 5.11 -4.04 21.53
C LEU A 171 5.91 -2.78 21.86
N GLU A 172 6.96 -2.52 21.07
CA GLU A 172 7.75 -1.30 21.19
CA GLU A 172 7.70 -1.27 21.21
C GLU A 172 7.61 -0.38 19.99
N TYR A 173 7.25 -0.93 18.81
CA TYR A 173 7.12 -0.16 17.57
C TYR A 173 5.82 -0.52 16.85
N LEU A 174 5.15 0.49 16.32
CA LEU A 174 4.08 0.32 15.34
C LEU A 174 4.56 0.88 14.01
N VAL A 175 4.42 0.09 12.95
CA VAL A 175 4.90 0.45 11.62
C VAL A 175 3.70 0.37 10.68
N ILE A 176 3.06 1.51 10.39
CA ILE A 176 1.71 1.51 9.83
C ILE A 176 1.71 2.14 8.45
N GLU A 177 1.30 1.36 7.45
CA GLU A 177 1.05 1.90 6.12
C GLU A 177 -0.32 2.54 6.05
N VAL A 178 -0.40 3.71 5.40
CA VAL A 178 -1.62 4.50 5.31
C VAL A 178 -1.90 4.81 3.84
N SER A 179 -3.07 4.40 3.35
CA SER A 179 -3.52 4.78 2.01
C SER A 179 -3.63 6.30 1.85
N GLU A 180 -2.94 6.82 0.84
CA GLU A 180 -2.89 8.25 0.59
C GLU A 180 -4.13 8.74 -0.15
N VAL A 181 -4.71 7.90 -1.00
CA VAL A 181 -5.90 8.21 -1.78
C VAL A 181 -6.76 6.96 -1.71
N GLN A 182 -7.90 7.05 -1.05
CA GLN A 182 -8.72 5.91 -0.71
C GLN A 182 -10.13 6.14 -1.21
N GLY A 183 -10.72 5.10 -1.80
CA GLY A 183 -12.07 5.20 -2.30
C GLY A 183 -13.06 4.35 -1.54
N TRP A 184 -14.33 4.68 -1.68
CA TRP A 184 -15.43 3.85 -1.20
C TRP A 184 -16.53 3.92 -2.25
N LEU A 185 -16.87 2.78 -2.84
CA LEU A 185 -17.86 2.74 -3.92
C LEU A 185 -17.47 3.72 -5.03
N ASP A 186 -16.21 3.63 -5.44
CA ASP A 186 -15.66 4.44 -6.53
C ASP A 186 -15.74 5.94 -6.26
N ARG A 187 -15.83 6.33 -4.99
CA ARG A 187 -15.89 7.73 -4.59
C ARG A 187 -14.78 8.05 -3.60
N LEU A 188 -14.14 9.19 -3.78
CA LEU A 188 -12.99 9.55 -2.95
C LEU A 188 -13.40 9.78 -1.50
N MET A 189 -12.73 9.10 -0.57
CA MET A 189 -12.91 9.37 0.85
C MET A 189 -11.94 10.48 1.21
N LYS A 190 -12.41 11.73 1.16
CA LYS A 190 -11.52 12.85 1.38
C LYS A 190 -10.95 12.84 2.80
N ASP A 191 -9.65 13.18 2.91
CA ASP A 191 -8.90 13.32 4.15
C ASP A 191 -8.63 11.99 4.84
N HIS A 192 -8.69 10.89 4.09
CA HIS A 192 -8.42 9.58 4.69
C HIS A 192 -7.04 9.54 5.32
N ALA A 193 -6.03 10.06 4.60
CA ALA A 193 -4.66 9.97 5.11
C ALA A 193 -4.50 10.79 6.38
N TYR A 194 -5.07 11.99 6.42
CA TYR A 194 -5.06 12.78 7.65
C TYR A 194 -5.69 12.02 8.81
N LEU A 195 -6.91 11.52 8.62
CA LEU A 195 -7.63 10.88 9.72
C LEU A 195 -6.89 9.64 10.22
N MET A 196 -6.40 8.80 9.31
CA MET A 196 -5.73 7.58 9.73
C MET A 196 -4.39 7.87 10.40
N THR A 197 -3.65 8.88 9.92
CA THR A 197 -2.41 9.26 10.59
C THR A 197 -2.69 9.80 11.98
N LYS A 198 -3.72 10.65 12.12
CA LYS A 198 -4.06 11.19 13.44
C LYS A 198 -4.39 10.09 14.41
N SER A 199 -5.07 9.03 13.95
CA SER A 199 -5.43 7.94 14.85
C SER A 199 -4.22 7.20 15.38
N ILE A 200 -3.10 7.24 14.66
CA ILE A 200 -1.85 6.59 15.09
CA ILE A 200 -1.88 6.58 15.12
C ILE A 200 -1.03 7.51 15.99
N ASN A 201 -1.09 8.83 15.76
CA ASN A 201 -0.29 9.83 16.44
C ASN A 201 1.19 9.45 16.35
N PRO A 202 1.77 9.45 15.16
CA PRO A 202 3.12 8.90 14.99
C PRO A 202 4.22 9.85 15.43
N ASN A 203 5.38 9.25 15.69
CA ASN A 203 6.62 9.99 15.88
C ASN A 203 7.26 10.36 14.56
N VAL A 204 7.06 9.55 13.52
CA VAL A 204 7.69 9.72 12.21
C VAL A 204 6.62 9.50 11.15
N VAL A 205 6.54 10.40 10.17
CA VAL A 205 5.77 10.17 8.95
C VAL A 205 6.73 10.11 7.78
N VAL A 206 6.64 9.04 6.98
CA VAL A 206 7.40 8.85 5.76
C VAL A 206 6.48 9.06 4.57
N VAL A 207 6.87 9.92 3.62
CA VAL A 207 6.15 10.03 2.35
C VAL A 207 7.11 9.67 1.24
N THR A 208 6.82 8.56 0.54
CA THR A 208 7.73 8.03 -0.47
C THR A 208 7.68 8.82 -1.77
N ASN A 209 6.48 9.24 -2.18
CA ASN A 209 6.33 9.98 -3.43
C ASN A 209 4.87 10.37 -3.60
N VAL A 210 4.64 11.17 -4.63
CA VAL A 210 3.31 11.59 -5.07
C VAL A 210 3.28 11.32 -6.56
N ALA A 211 2.34 10.49 -7.00
CA ALA A 211 2.29 10.14 -8.42
C ALA A 211 0.84 9.99 -8.83
N LEU A 212 0.62 10.22 -10.12
CA LEU A 212 -0.71 10.06 -10.66
C LEU A 212 -1.10 8.59 -10.68
N ASP A 213 -2.29 8.31 -10.17
CA ASP A 213 -2.90 7.00 -10.13
C ASP A 213 -4.27 7.24 -9.50
N HIS A 214 -5.04 6.17 -9.31
CA HIS A 214 -6.41 6.26 -8.81
C HIS A 214 -7.24 7.27 -9.61
N ILE A 215 -7.10 7.21 -10.94
CA ILE A 215 -7.94 8.06 -11.79
C ILE A 215 -9.39 7.69 -11.55
N GLY A 216 -10.22 8.70 -11.35
CA GLY A 216 -11.60 8.45 -10.99
C GLY A 216 -11.88 8.84 -9.55
N LEU A 217 -11.00 8.43 -8.64
CA LEU A 217 -10.99 9.02 -7.31
C LEU A 217 -10.39 10.41 -7.36
N VAL A 218 -9.28 10.57 -8.07
CA VAL A 218 -8.68 11.85 -8.36
C VAL A 218 -8.49 11.91 -9.87
N ASN A 219 -8.05 13.06 -10.35
CA ASN A 219 -7.58 13.09 -11.73
C ASN A 219 -6.42 14.05 -11.96
N SER A 220 -5.88 14.68 -10.92
CA SER A 220 -4.71 15.52 -11.08
C SER A 220 -3.67 15.14 -10.04
N ILE A 221 -2.40 15.33 -10.39
CA ILE A 221 -1.34 15.05 -9.43
C ILE A 221 -1.41 16.04 -8.28
N GLU A 222 -1.89 17.26 -8.55
CA GLU A 222 -2.10 18.23 -7.48
C GLU A 222 -3.04 17.69 -6.40
N GLU A 223 -4.13 17.03 -6.82
CA GLU A 223 -5.06 16.48 -5.84
CA GLU A 223 -5.07 16.46 -5.86
C GLU A 223 -4.43 15.33 -5.06
N VAL A 224 -3.64 14.49 -5.73
CA VAL A 224 -2.91 13.45 -5.02
C VAL A 224 -2.03 14.08 -3.97
N PHE A 225 -1.35 15.17 -4.34
CA PHE A 225 -0.51 15.89 -3.39
C PHE A 225 -1.31 16.39 -2.20
N GLU A 226 -2.47 16.99 -2.46
CA GLU A 226 -3.26 17.53 -1.35
C GLU A 226 -3.67 16.42 -0.38
N GLU A 227 -4.21 15.32 -0.91
CA GLU A 227 -4.66 14.23 -0.05
C GLU A 227 -3.49 13.62 0.71
N THR A 228 -2.39 13.33 0.00
CA THR A 228 -1.21 12.76 0.64
C THR A 228 -0.67 13.66 1.75
N SER A 229 -0.67 14.97 1.50
CA SER A 229 -0.12 15.91 2.49
C SER A 229 -0.86 15.87 3.82
N GLY A 230 -2.10 15.35 3.83
CA GLY A 230 -2.80 15.17 5.09
C GLY A 230 -2.01 14.39 6.14
N ALA A 231 -1.22 13.40 5.71
CA ALA A 231 -0.40 12.65 6.66
C ALA A 231 0.62 13.56 7.34
N VAL A 232 1.16 14.53 6.59
CA VAL A 232 2.17 15.42 7.17
C VAL A 232 1.51 16.45 8.07
N LYS A 233 0.37 17.02 7.64
CA LYS A 233 -0.34 17.94 8.52
C LYS A 233 -0.79 17.26 9.80
N ALA A 234 -1.01 15.95 9.76
CA ALA A 234 -1.44 15.24 10.95
C ALA A 234 -0.32 15.09 11.98
N LEU A 235 0.93 15.21 11.55
CA LEU A 235 2.06 14.95 12.43
C LEU A 235 2.23 16.08 13.43
N GLU A 236 2.23 15.73 14.72
CA GLU A 236 2.28 16.69 15.82
C GLU A 236 3.72 16.95 16.28
N LYS A 237 4.55 15.93 16.25
CA LYS A 237 5.90 15.95 16.81
C LYS A 237 6.82 15.18 15.88
N GLY A 238 8.09 15.09 16.24
CA GLY A 238 8.97 14.13 15.58
C GLY A 238 9.48 14.59 14.23
N PHE A 239 9.44 13.68 13.26
CA PHE A 239 10.17 13.84 12.00
C PHE A 239 9.26 13.56 10.81
N ALA A 240 9.33 14.42 9.80
CA ALA A 240 8.76 14.15 8.49
C ALA A 240 9.89 13.67 7.58
N VAL A 241 9.86 12.40 7.20
CA VAL A 241 10.87 11.81 6.32
C VAL A 241 10.33 11.89 4.90
N LEU A 242 10.97 12.71 4.06
CA LEU A 242 10.39 13.09 2.77
C LEU A 242 11.38 12.84 1.64
N ASN A 243 10.87 12.31 0.53
CA ASN A 243 11.67 12.12 -0.67
C ASN A 243 12.02 13.47 -1.29
N TYR A 244 13.30 13.85 -1.26
CA TYR A 244 13.74 15.12 -1.83
C TYR A 244 13.66 15.13 -3.35
N ASP A 245 13.68 13.96 -3.99
CA ASP A 245 13.73 13.87 -5.44
C ASP A 245 12.36 14.01 -6.08
N ASN A 246 11.27 14.01 -5.32
CA ASN A 246 9.93 14.18 -5.87
C ASN A 246 9.45 15.58 -5.54
N GLU A 247 9.03 16.32 -6.56
CA GLU A 247 8.70 17.72 -6.39
C GLU A 247 7.64 17.94 -5.33
N PHE A 248 6.61 17.08 -5.32
CA PHE A 248 5.47 17.29 -4.44
C PHE A 248 5.75 16.83 -3.01
N THR A 249 6.52 15.76 -2.82
CA THR A 249 6.94 15.44 -1.46
C THR A 249 7.87 16.52 -0.92
N ARG A 250 8.71 17.10 -1.78
CA ARG A 250 9.55 18.21 -1.35
CA ARG A 250 9.56 18.19 -1.31
C ARG A 250 8.72 19.37 -0.83
N LYS A 251 7.62 19.70 -1.54
CA LYS A 251 6.74 20.78 -1.14
C LYS A 251 6.10 20.54 0.22
N MET A 252 6.01 19.29 0.68
CA MET A 252 5.37 19.01 1.95
C MET A 252 6.18 19.52 3.13
N ALA A 253 7.48 19.77 2.95
CA ALA A 253 8.30 20.32 4.04
C ALA A 253 7.69 21.59 4.61
N LYS A 254 7.18 22.48 3.74
CA LYS A 254 6.59 23.73 4.20
C LYS A 254 5.28 23.51 4.96
N LEU A 255 4.74 22.30 4.97
CA LEU A 255 3.50 22.01 5.66
C LEU A 255 3.71 21.45 7.05
N THR A 256 4.96 21.27 7.48
CA THR A 256 5.22 20.67 8.77
C THR A 256 4.91 21.67 9.88
N ASN A 257 4.41 21.14 10.99
CA ASN A 257 3.99 21.96 12.12
C ASN A 257 5.22 22.41 12.93
N LYS A 258 4.95 23.13 14.02
CA LYS A 258 5.99 23.85 14.75
C LYS A 258 7.14 22.93 15.19
N ASN A 259 6.80 21.81 15.82
CA ASN A 259 7.79 20.96 16.47
C ASN A 259 8.13 19.73 15.63
N VAL A 260 8.11 19.86 14.31
CA VAL A 260 8.42 18.75 13.40
C VAL A 260 9.69 19.10 12.65
N LYS A 261 10.64 18.17 12.64
CA LYS A 261 11.87 18.34 11.87
C LYS A 261 11.71 17.61 10.55
N VAL A 262 12.09 18.28 9.46
CA VAL A 262 12.08 17.65 8.16
C VAL A 262 13.38 16.87 7.99
N PHE A 263 13.27 15.63 7.50
CA PHE A 263 14.45 14.80 7.22
C PHE A 263 14.36 14.38 5.76
N PHE A 264 15.18 14.98 4.90
CA PHE A 264 15.12 14.69 3.48
C PHE A 264 16.08 13.57 3.10
N TYR A 265 15.65 12.71 2.18
CA TYR A 265 16.53 11.71 1.60
C TYR A 265 16.49 11.84 0.09
N GLY A 266 17.58 11.45 -0.56
CA GLY A 266 17.66 11.57 -2.00
C GLY A 266 18.93 12.25 -2.45
N LYS A 267 18.89 12.91 -3.60
CA LYS A 267 20.12 13.44 -4.18
C LYS A 267 20.65 14.60 -3.34
N ASN A 268 21.97 14.57 -3.08
CA ASN A 268 22.71 15.52 -2.23
CA ASN A 268 22.65 15.59 -2.27
C ASN A 268 22.08 15.69 -0.84
N CYS A 269 21.50 14.60 -0.33
CA CYS A 269 21.01 14.54 1.04
C CYS A 269 21.90 13.69 1.93
N PRO A 270 21.75 13.79 3.26
CA PRO A 270 22.57 12.95 4.16
C PRO A 270 22.40 11.46 3.92
N VAL A 271 21.21 11.02 3.54
CA VAL A 271 20.98 9.65 3.10
C VAL A 271 20.72 9.70 1.60
N THR A 272 21.59 9.07 0.82
CA THR A 272 21.63 9.31 -0.61
C THR A 272 22.16 8.07 -1.34
N PHE A 273 21.89 8.02 -2.63
CA PHE A 273 22.47 7.01 -3.53
C PHE A 273 23.35 7.71 -4.56
N LYS A 274 24.59 7.25 -4.69
CA LYS A 274 25.48 7.85 -5.68
C LYS A 274 26.62 6.87 -5.98
N SER A 275 27.11 6.94 -7.21
CA SER A 275 28.21 6.08 -7.68
C SER A 275 27.97 4.62 -7.31
N GLY A 276 26.75 4.15 -7.53
CA GLY A 276 26.43 2.75 -7.36
C GLY A 276 26.14 2.30 -5.95
N GLY A 277 26.33 3.15 -4.92
CA GLY A 277 26.13 2.74 -3.55
C GLY A 277 25.27 3.69 -2.75
N ILE A 278 24.80 3.20 -1.59
CA ILE A 278 24.06 4.02 -0.63
C ILE A 278 25.05 4.63 0.36
N TYR A 279 24.99 5.95 0.53
CA TYR A 279 25.83 6.66 1.49
C TYR A 279 24.98 7.27 2.61
N VAL A 280 25.56 7.28 3.81
CA VAL A 280 24.96 7.93 4.98
C VAL A 280 26.01 8.85 5.58
N ASN A 281 25.69 10.15 5.65
CA ASN A 281 26.62 11.17 6.12
C ASN A 281 28.00 11.01 5.47
N ASN A 282 27.99 10.81 4.15
CA ASN A 282 29.16 10.71 3.29
C ASN A 282 29.98 9.44 3.50
N ASP A 283 29.53 8.53 4.36
CA ASP A 283 30.18 7.22 4.48
C ASP A 283 29.49 6.23 3.55
N LEU A 284 30.29 5.45 2.82
CA LEU A 284 29.73 4.37 2.01
C LEU A 284 29.09 3.34 2.91
N PHE A 285 27.77 3.14 2.74
CA PHE A 285 26.97 2.35 3.68
C PHE A 285 26.57 0.99 3.13
N ILE A 286 25.96 0.95 1.94
CA ILE A 286 25.58 -0.29 1.26
C ILE A 286 26.22 -0.25 -0.12
N LYS A 287 26.92 -1.33 -0.49
CA LYS A 287 27.72 -1.27 -1.70
C LYS A 287 26.95 -1.85 -2.89
N LYS A 288 27.47 -1.57 -4.09
CA LYS A 288 26.80 -1.95 -5.34
C LYS A 288 26.39 -3.43 -5.36
N GLU A 289 27.32 -4.34 -5.08
CA GLU A 289 26.98 -5.75 -5.19
C GLU A 289 26.21 -6.27 -3.99
N GLU A 290 26.01 -5.43 -2.98
CA GLU A 290 25.05 -5.73 -1.93
C GLU A 290 23.63 -5.37 -2.34
N LEU A 291 23.47 -4.76 -3.52
CA LEU A 291 22.15 -4.46 -4.10
C LEU A 291 22.04 -5.05 -5.50
N PRO A 292 22.16 -6.38 -5.64
CA PRO A 292 22.16 -6.98 -6.98
C PRO A 292 20.78 -6.95 -7.64
N PHE A 293 20.77 -6.57 -8.92
CA PHE A 293 19.56 -6.60 -9.75
C PHE A 293 18.41 -5.82 -9.13
N LYS A 294 18.72 -4.69 -8.51
CA LYS A 294 17.70 -3.91 -7.81
C LYS A 294 17.25 -2.73 -8.67
N SER A 295 16.03 -2.26 -8.42
CA SER A 295 15.45 -1.20 -9.24
C SER A 295 15.70 0.17 -8.60
N GLU A 296 15.40 1.22 -9.37
CA GLU A 296 15.43 2.57 -8.84
C GLU A 296 14.53 2.69 -7.61
N TYR A 297 13.32 2.12 -7.69
CA TYR A 297 12.38 2.19 -6.57
C TYR A 297 12.90 1.44 -5.36
N PHE A 298 13.52 0.27 -5.59
CA PHE A 298 14.09 -0.47 -4.48
C PHE A 298 15.09 0.38 -3.71
N ILE A 299 15.94 1.12 -4.44
CA ILE A 299 16.93 1.99 -3.81
C ILE A 299 16.25 3.13 -3.05
N GLN A 300 15.29 3.82 -3.69
CA GLN A 300 14.61 4.91 -3.02
CA GLN A 300 14.60 4.92 -3.02
C GLN A 300 13.87 4.43 -1.78
N ASN A 301 13.21 3.27 -1.86
CA ASN A 301 12.54 2.71 -0.69
C ASN A 301 13.54 2.40 0.42
N THR A 302 14.72 1.91 0.05
CA THR A 302 15.76 1.66 1.05
C THR A 302 16.23 2.96 1.71
N LEU A 303 16.44 4.01 0.91
CA LEU A 303 16.76 5.32 1.49
C LEU A 303 15.69 5.76 2.48
N ALA A 304 14.42 5.58 2.10
CA ALA A 304 13.34 5.98 3.01
C ALA A 304 13.40 5.17 4.30
N ALA A 305 13.63 3.86 4.18
CA ALA A 305 13.63 3.02 5.37
C ALA A 305 14.81 3.35 6.28
N ILE A 306 16.00 3.53 5.68
CA ILE A 306 17.17 3.97 6.46
C ILE A 306 16.84 5.25 7.21
N SER A 307 16.30 6.23 6.49
CA SER A 307 16.01 7.53 7.09
C SER A 307 15.05 7.40 8.26
N ALA A 308 13.94 6.67 8.06
CA ALA A 308 12.99 6.47 9.15
C ALA A 308 13.68 5.86 10.37
N CYS A 309 14.49 4.82 10.15
CA CYS A 309 15.13 4.15 11.27
C CYS A 309 16.18 5.03 11.94
N LEU A 310 16.87 5.90 11.18
CA LEU A 310 17.79 6.85 11.83
C LEU A 310 17.02 7.80 12.71
N CYS A 311 15.85 8.24 12.26
CA CYS A 311 15.00 9.10 13.08
C CYS A 311 14.49 8.39 14.33
N LEU A 312 14.47 7.06 14.32
CA LEU A 312 14.16 6.25 15.51
C LEU A 312 15.41 5.87 16.30
N ASN A 313 16.58 6.44 15.96
CA ASN A 313 17.84 6.18 16.65
C ASN A 313 18.24 4.70 16.62
N ILE A 314 17.87 4.00 15.55
CA ILE A 314 18.43 2.66 15.34
C ILE A 314 19.88 2.80 14.87
N PRO A 315 20.85 2.13 15.51
CA PRO A 315 22.25 2.25 15.09
C PRO A 315 22.43 1.81 13.64
N PRO A 316 23.29 2.48 12.89
CA PRO A 316 23.45 2.13 11.47
C PRO A 316 23.82 0.68 11.21
N ASP A 317 24.63 0.06 12.07
CA ASP A 317 24.98 -1.34 11.81
C ASP A 317 23.77 -2.25 11.96
N ILE A 318 22.83 -1.87 12.83
CA ILE A 318 21.57 -2.60 12.94
C ILE A 318 20.73 -2.41 11.69
N ILE A 319 20.66 -1.16 11.20
CA ILE A 319 19.92 -0.89 9.97
C ILE A 319 20.50 -1.70 8.83
N LYS A 320 21.83 -1.78 8.75
CA LYS A 320 22.45 -2.49 7.63
C LYS A 320 22.16 -3.99 7.69
N LYS A 321 22.25 -4.60 8.88
CA LYS A 321 21.94 -6.02 8.99
C LYS A 321 20.52 -6.31 8.49
N GLY A 322 19.58 -5.42 8.81
CA GLY A 322 18.21 -5.59 8.32
C GLY A 322 18.12 -5.50 6.81
N ILE A 323 18.73 -4.47 6.22
CA ILE A 323 18.69 -4.30 4.77
C ILE A 323 19.23 -5.54 4.07
N LEU A 324 20.38 -6.04 4.54
CA LEU A 324 21.01 -7.16 3.87
C LEU A 324 20.23 -8.46 3.99
N THR A 325 19.27 -8.53 4.91
CA THR A 325 18.45 -9.73 5.05
C THR A 325 17.00 -9.50 4.64
N TYR A 326 16.70 -8.37 4.00
CA TYR A 326 15.32 -8.04 3.63
C TYR A 326 14.81 -8.99 2.55
N LYS A 327 13.60 -9.52 2.74
CA LYS A 327 12.95 -10.35 1.75
C LYS A 327 11.80 -9.57 1.11
N PRO A 328 11.87 -9.29 -0.19
CA PRO A 328 10.93 -8.36 -0.81
C PRO A 328 9.56 -8.97 -1.04
N LEU A 329 8.60 -8.08 -1.31
CA LEU A 329 7.25 -8.49 -1.64
C LEU A 329 7.20 -9.04 -3.06
N LYS A 330 6.06 -9.66 -3.38
CA LYS A 330 5.85 -10.32 -4.66
C LYS A 330 5.82 -9.32 -5.81
N ARG A 331 6.50 -9.68 -6.91
CA ARG A 331 6.44 -8.93 -8.18
C ARG A 331 6.97 -7.49 -8.02
N ARG A 332 7.92 -7.30 -7.12
CA ARG A 332 8.65 -6.03 -7.02
C ARG A 332 9.97 -6.27 -7.74
N PHE A 333 9.96 -6.03 -9.06
CA PHE A 333 11.16 -6.18 -9.89
C PHE A 333 11.83 -7.53 -9.62
N SER A 334 11.00 -8.57 -9.59
CA SER A 334 11.43 -9.90 -9.15
C SER A 334 12.20 -10.59 -10.26
N ILE A 335 13.38 -11.13 -9.94
CA ILE A 335 14.21 -11.79 -10.93
C ILE A 335 13.79 -13.26 -11.00
N LEU A 336 13.17 -13.65 -12.10
CA LEU A 336 12.64 -14.99 -12.26
C LEU A 336 13.63 -15.93 -12.95
N CYS A 337 14.62 -15.37 -13.62
CA CYS A 337 15.56 -16.10 -14.47
C CYS A 337 16.70 -15.15 -14.80
N LYS A 338 17.89 -15.72 -15.03
CA LYS A 338 19.02 -14.91 -15.42
C LYS A 338 19.45 -15.09 -16.87
N LYS A 339 19.10 -16.23 -17.47
CA LYS A 339 19.36 -16.51 -18.89
C LYS A 339 18.09 -17.06 -19.52
N PRO A 340 17.27 -16.23 -20.17
CA PRO A 340 17.44 -14.78 -20.33
C PRO A 340 17.04 -14.11 -19.02
N LEU A 341 17.45 -12.85 -18.84
CA LEU A 341 17.06 -12.10 -17.64
C LEU A 341 15.57 -11.81 -17.69
N ILE A 342 14.79 -12.47 -16.84
CA ILE A 342 13.35 -12.23 -16.77
C ILE A 342 13.03 -11.47 -15.49
N ILE A 343 12.45 -10.29 -15.65
CA ILE A 343 12.10 -9.41 -14.54
C ILE A 343 10.58 -9.27 -14.50
N ASP A 344 9.99 -9.48 -13.33
CA ASP A 344 8.54 -9.50 -13.13
C ASP A 344 8.15 -8.39 -12.17
N ASP A 345 7.55 -7.32 -12.70
CA ASP A 345 7.28 -6.13 -11.90
C ASP A 345 5.82 -5.68 -12.01
N PHE A 346 5.20 -5.31 -10.88
CA PHE A 346 3.78 -4.98 -10.92
C PHE A 346 3.50 -3.51 -11.26
N ALA A 347 4.43 -2.83 -11.94
CA ALA A 347 4.23 -1.45 -12.37
C ALA A 347 2.84 -1.27 -12.99
N HIS A 348 2.16 -0.21 -12.60
CA HIS A 348 0.77 -0.05 -12.96
C HIS A 348 0.34 1.40 -13.10
N ASN A 349 1.25 2.35 -12.96
CA ASN A 349 0.93 3.76 -13.16
C ASN A 349 2.11 4.40 -13.89
N PRO A 350 1.98 5.63 -14.39
CA PRO A 350 3.05 6.17 -15.26
C PRO A 350 4.44 6.16 -14.62
N ASP A 351 4.56 6.59 -13.36
CA ASP A 351 5.86 6.62 -12.72
C ASP A 351 6.44 5.22 -12.56
N GLY A 352 5.60 4.25 -12.17
CA GLY A 352 6.11 2.91 -11.92
C GLY A 352 6.56 2.25 -13.21
N ILE A 353 5.82 2.50 -14.28
CA ILE A 353 6.19 1.96 -15.60
C ILE A 353 7.52 2.56 -16.06
N LYS A 354 7.66 3.87 -15.94
CA LYS A 354 8.89 4.52 -16.34
C LYS A 354 10.08 3.97 -15.56
N MET A 355 9.92 3.84 -14.24
CA MET A 355 10.99 3.34 -13.37
C MET A 355 11.40 1.93 -13.77
N ALA A 356 10.41 1.07 -14.02
CA ALA A 356 10.69 -0.33 -14.31
C ALA A 356 11.44 -0.48 -15.62
N ILE A 357 11.00 0.24 -16.66
CA ILE A 357 11.67 0.15 -17.95
C ILE A 357 13.11 0.65 -17.83
N LYS A 358 13.32 1.82 -17.19
CA LYS A 358 14.67 2.35 -17.07
C LYS A 358 15.56 1.42 -16.26
N SER A 359 15.03 0.86 -15.16
CA SER A 359 15.83 -0.07 -14.35
C SER A 359 16.17 -1.34 -15.12
N ALA A 360 15.21 -1.87 -15.90
CA ALA A 360 15.50 -3.06 -16.69
C ALA A 360 16.55 -2.78 -17.76
N LYS A 361 16.44 -1.62 -18.43
CA LYS A 361 17.42 -1.28 -19.46
C LYS A 361 18.83 -1.20 -18.89
N LYS A 362 18.96 -0.67 -17.66
CA LYS A 362 20.27 -0.59 -17.01
C LYS A 362 20.92 -1.97 -16.87
N LEU A 363 20.11 -3.02 -16.74
CA LEU A 363 20.63 -4.37 -16.53
C LEU A 363 20.68 -5.18 -17.83
N THR A 364 20.39 -4.55 -18.96
CA THR A 364 20.16 -5.26 -20.22
C THR A 364 21.44 -5.30 -21.05
N LYS A 365 21.86 -6.50 -21.41
CA LYS A 365 23.01 -6.67 -22.30
C LYS A 365 22.65 -6.38 -23.75
N ASN A 366 21.65 -7.09 -24.30
CA ASN A 366 21.33 -6.99 -25.71
CA ASN A 366 21.35 -6.97 -25.71
C ASN A 366 19.95 -6.39 -25.89
N LYS A 367 18.96 -7.20 -26.25
CA LYS A 367 17.63 -6.69 -26.57
C LYS A 367 16.76 -6.66 -25.31
N LEU A 368 16.03 -5.56 -25.15
CA LEU A 368 15.05 -5.41 -24.07
C LEU A 368 13.66 -5.71 -24.63
N TRP A 369 13.05 -6.80 -24.15
CA TRP A 369 11.65 -7.09 -24.43
C TRP A 369 10.79 -6.53 -23.31
N VAL A 370 9.75 -5.76 -23.65
CA VAL A 370 8.81 -5.25 -22.64
C VAL A 370 7.45 -5.84 -22.93
N VAL A 371 6.97 -6.68 -22.03
CA VAL A 371 5.67 -7.34 -22.17
C VAL A 371 4.74 -6.69 -21.15
N CYS A 372 3.69 -6.04 -21.63
CA CYS A 372 2.88 -5.23 -20.73
C CYS A 372 1.41 -5.58 -20.88
N ALA A 373 0.77 -5.91 -19.76
CA ALA A 373 -0.67 -6.20 -19.70
C ALA A 373 -1.43 -4.91 -19.46
N ILE A 374 -2.40 -4.63 -20.34
CA ILE A 374 -3.23 -3.44 -20.20
C ILE A 374 -4.02 -3.53 -18.88
N ARG A 375 -4.27 -2.38 -18.26
CA ARG A 375 -4.88 -2.35 -16.93
C ARG A 375 -6.39 -2.34 -17.12
N GLY A 376 -6.97 -3.54 -17.17
CA GLY A 376 -8.36 -3.67 -17.60
C GLY A 376 -9.33 -3.18 -16.53
N SER A 377 -10.40 -2.55 -16.99
CA SER A 377 -11.52 -2.12 -16.15
C SER A 377 -11.10 -1.05 -15.14
N ARG A 378 -10.05 -0.28 -15.46
CA ARG A 378 -9.61 0.84 -14.66
C ARG A 378 -9.75 2.18 -15.39
N GLY A 379 -10.28 2.18 -16.60
CA GLY A 379 -10.61 3.41 -17.27
C GLY A 379 -9.66 3.73 -18.42
N LYS A 380 -10.15 4.54 -19.36
CA LYS A 380 -9.34 4.89 -20.50
C LYS A 380 -8.15 5.78 -20.11
N ILE A 381 -8.31 6.62 -19.10
CA ILE A 381 -7.32 7.66 -18.85
C ILE A 381 -6.04 7.06 -18.28
N ILE A 382 -6.16 6.13 -17.33
CA ILE A 382 -4.94 5.56 -16.76
C ILE A 382 -4.22 4.71 -17.80
N ASN A 383 -4.95 4.08 -18.71
CA ASN A 383 -4.29 3.29 -19.73
C ASN A 383 -3.63 4.18 -20.77
N LYS A 384 -4.26 5.31 -21.10
CA LYS A 384 -3.61 6.28 -21.97
C LYS A 384 -2.34 6.83 -21.34
N LEU A 385 -2.41 7.20 -20.06
CA LEU A 385 -1.22 7.76 -19.41
C LEU A 385 -0.13 6.71 -19.27
N ASN A 386 -0.52 5.45 -19.05
CA ASN A 386 0.45 4.37 -18.94
C ASN A 386 1.14 4.08 -20.27
N ALA A 387 0.37 4.06 -21.36
CA ALA A 387 0.96 3.85 -22.67
C ALA A 387 1.86 5.02 -23.05
N GLU A 388 1.45 6.22 -22.65
CA GLU A 388 2.27 7.39 -22.88
CA GLU A 388 2.26 7.43 -22.83
C GLU A 388 3.59 7.32 -22.11
N SER A 389 3.55 6.85 -20.86
CA SER A 389 4.79 6.66 -20.10
C SER A 389 5.66 5.59 -20.72
N LEU A 390 5.07 4.45 -21.08
CA LEU A 390 5.84 3.42 -21.76
C LEU A 390 6.49 3.97 -23.03
N SER A 391 5.74 4.75 -23.81
CA SER A 391 6.24 5.23 -25.10
C SER A 391 7.35 6.24 -24.91
N LYS A 392 7.15 7.22 -24.02
CA LYS A 392 8.15 8.25 -23.82
C LYS A 392 9.43 7.68 -23.23
N THR A 393 9.33 6.65 -22.38
CA THR A 393 10.52 6.08 -21.76
C THR A 393 11.34 5.28 -22.78
N LEU A 394 10.67 4.60 -23.71
CA LEU A 394 11.33 3.74 -24.69
C LEU A 394 11.82 4.49 -25.92
N LYS A 395 11.28 5.67 -26.22
CA LYS A 395 11.52 6.20 -27.57
C LYS A 395 12.99 6.47 -27.82
N ASN A 396 13.78 6.77 -26.79
CA ASN A 396 15.21 6.99 -27.00
C ASN A 396 16.07 5.76 -26.70
N ILE A 397 15.48 4.64 -26.28
CA ILE A 397 16.21 3.42 -25.94
C ILE A 397 16.43 2.58 -27.19
N GLU A 398 17.65 2.08 -27.37
CA GLU A 398 17.98 1.24 -28.52
C GLU A 398 17.60 -0.22 -28.28
N ASN A 399 17.19 -0.89 -29.37
CA ASN A 399 17.07 -2.34 -29.43
C ASN A 399 16.07 -2.88 -28.39
N TYR A 400 14.81 -2.57 -28.64
CA TYR A 400 13.74 -3.08 -27.79
C TYR A 400 12.64 -3.69 -28.64
N GLU A 401 11.74 -4.43 -27.98
CA GLU A 401 10.52 -4.91 -28.62
C GLU A 401 9.41 -4.87 -27.59
N VAL A 402 8.26 -4.32 -27.97
CA VAL A 402 7.11 -4.18 -27.09
C VAL A 402 6.09 -5.25 -27.44
N VAL A 403 5.65 -6.01 -26.43
CA VAL A 403 4.57 -6.99 -26.59
C VAL A 403 3.44 -6.58 -25.64
N ILE A 404 2.27 -6.24 -26.20
CA ILE A 404 1.12 -5.81 -25.40
C ILE A 404 0.10 -6.93 -25.32
N THR A 405 -0.57 -7.08 -24.17
CA THR A 405 -1.59 -8.11 -24.05
C THR A 405 -2.77 -7.63 -23.22
N ASN A 406 -3.94 -8.24 -23.49
CA ASN A 406 -5.11 -8.07 -22.64
C ASN A 406 -5.18 -9.07 -21.51
N SER A 407 -4.37 -10.14 -21.56
CA SER A 407 -4.46 -11.24 -20.60
C SER A 407 -5.88 -11.76 -20.46
N ASP A 408 -6.61 -11.81 -21.57
CA ASP A 408 -8.00 -12.29 -21.57
C ASP A 408 -8.11 -13.69 -21.01
N ASP A 409 -7.03 -14.47 -21.07
CA ASP A 409 -7.04 -15.87 -20.64
C ASP A 409 -6.86 -16.06 -19.15
N VAL A 410 -6.56 -15.01 -18.38
CA VAL A 410 -6.17 -15.24 -16.99
C VAL A 410 -6.75 -14.23 -16.01
N VAL A 411 -7.52 -13.26 -16.49
CA VAL A 411 -8.05 -12.24 -15.58
C VAL A 411 -9.53 -12.54 -15.33
N ASP A 412 -10.02 -12.07 -14.18
CA ASP A 412 -11.41 -12.27 -13.80
C ASP A 412 -12.25 -11.11 -14.29
N ASN A 413 -13.56 -11.18 -14.02
CA ASN A 413 -14.49 -10.19 -14.53
C ASN A 413 -14.10 -8.77 -14.11
N LEU A 414 -13.57 -8.61 -12.90
CA LEU A 414 -13.26 -7.29 -12.38
C LEU A 414 -12.02 -6.69 -13.01
N ASN A 415 -11.32 -7.43 -13.87
CA ASN A 415 -10.06 -6.95 -14.45
C ASN A 415 -10.02 -7.13 -15.97
N LYS A 416 -11.16 -7.36 -16.61
CA LYS A 416 -11.20 -7.52 -18.06
C LYS A 416 -10.90 -6.20 -18.76
N VAL A 417 -10.10 -6.29 -19.83
CA VAL A 417 -9.81 -5.10 -20.63
C VAL A 417 -11.04 -4.75 -21.46
N LYS A 418 -11.47 -3.51 -21.36
CA LYS A 418 -12.60 -3.06 -22.17
C LYS A 418 -12.10 -2.50 -23.50
N LYS A 419 -12.95 -2.62 -24.53
CA LYS A 419 -12.55 -2.23 -25.87
C LYS A 419 -12.00 -0.81 -25.91
N GLU A 420 -12.60 0.12 -25.17
CA GLU A 420 -12.11 1.49 -25.20
C GLU A 420 -10.75 1.60 -24.52
N GLU A 421 -10.45 0.70 -23.59
CA GLU A 421 -9.16 0.71 -22.91
C GLU A 421 -8.06 0.16 -23.81
N GLU A 422 -8.33 -0.96 -24.49
CA GLU A 422 -7.37 -1.48 -25.47
C GLU A 422 -7.12 -0.45 -26.57
N LYS A 423 -8.18 0.25 -27.00
CA LYS A 423 -8.04 1.19 -28.10
C LYS A 423 -7.17 2.37 -27.71
N THR A 424 -7.43 2.99 -26.56
CA THR A 424 -6.63 4.15 -26.18
C THR A 424 -5.17 3.75 -25.96
N PHE A 425 -4.94 2.54 -25.46
CA PHE A 425 -3.57 2.11 -25.20
C PHE A 425 -2.81 1.96 -26.51
N LEU A 426 -3.36 1.16 -27.43
CA LEU A 426 -2.67 0.88 -28.68
C LEU A 426 -2.56 2.11 -29.55
N LYS A 427 -3.61 2.95 -29.60
CA LYS A 427 -3.51 4.18 -30.37
C LYS A 427 -2.48 5.13 -29.78
N THR A 428 -2.29 5.12 -28.45
CA THR A 428 -1.24 5.96 -27.87
C THR A 428 0.14 5.52 -28.33
N LEU A 429 0.41 4.20 -28.31
CA LEU A 429 1.68 3.70 -28.81
C LEU A 429 1.92 4.15 -30.26
N GLU A 430 0.88 4.07 -31.08
CA GLU A 430 1.01 4.45 -32.49
C GLU A 430 1.29 5.94 -32.63
N LYS A 431 0.63 6.77 -31.82
CA LYS A 431 0.90 8.20 -31.83
C LYS A 431 2.37 8.50 -31.56
N TYR A 432 3.01 7.69 -30.72
CA TYR A 432 4.41 7.88 -30.39
C TYR A 432 5.32 7.02 -31.24
N ASN A 433 4.79 6.40 -32.30
CA ASN A 433 5.59 5.64 -33.26
C ASN A 433 6.32 4.48 -32.60
N ILE A 434 5.65 3.84 -31.64
CA ILE A 434 6.20 2.67 -30.97
C ILE A 434 5.69 1.44 -31.69
N ASN A 435 6.59 0.67 -32.28
CA ASN A 435 6.18 -0.60 -32.87
CA ASN A 435 6.20 -0.60 -32.86
C ASN A 435 5.86 -1.60 -31.77
N TYR A 436 4.87 -2.45 -32.02
CA TYR A 436 4.43 -3.38 -31.01
C TYR A 436 3.77 -4.57 -31.68
N ARG A 437 3.77 -5.68 -30.94
CA ARG A 437 2.91 -6.83 -31.21
C ARG A 437 1.83 -6.86 -30.14
N PHE A 438 0.67 -7.39 -30.47
CA PHE A 438 -0.43 -7.49 -29.52
C PHE A 438 -1.00 -8.90 -29.52
N HIS A 439 -1.35 -9.39 -28.33
CA HIS A 439 -1.97 -10.70 -28.16
C HIS A 439 -3.09 -10.57 -27.13
N LYS A 440 -4.27 -11.12 -27.46
CA LYS A 440 -5.35 -11.09 -26.47
C LYS A 440 -4.97 -11.87 -25.21
N LYS A 441 -4.24 -12.97 -25.38
CA LYS A 441 -3.92 -13.87 -24.28
C LYS A 441 -2.50 -13.66 -23.77
N LEU A 442 -2.37 -13.66 -22.44
CA LEU A 442 -1.04 -13.58 -21.83
C LEU A 442 -0.18 -14.78 -22.23
N LYS A 443 -0.75 -15.98 -22.24
CA LYS A 443 0.04 -17.16 -22.58
C LYS A 443 0.63 -17.05 -23.98
N THR A 444 -0.14 -16.50 -24.92
CA THR A 444 0.38 -16.33 -26.28
C THR A 444 1.54 -15.34 -26.27
N ALA A 445 1.37 -14.22 -25.57
CA ALA A 445 2.41 -13.21 -25.50
C ALA A 445 3.71 -13.79 -24.94
N LEU A 446 3.60 -14.57 -23.87
CA LEU A 446 4.80 -15.11 -23.23
C LEU A 446 5.47 -16.16 -24.10
N GLU A 447 4.68 -17.05 -24.70
CA GLU A 447 5.25 -18.11 -25.52
C GLU A 447 6.02 -17.54 -26.71
N GLU A 448 5.42 -16.57 -27.39
CA GLU A 448 6.07 -15.99 -28.57
C GLU A 448 7.31 -15.20 -28.17
N THR A 449 7.24 -14.46 -27.07
CA THR A 449 8.40 -13.69 -26.63
C THR A 449 9.56 -14.61 -26.25
N LEU A 450 9.28 -15.65 -25.46
CA LEU A 450 10.34 -16.54 -25.00
C LEU A 450 10.90 -17.40 -26.14
N THR A 451 10.13 -17.62 -27.20
CA THR A 451 10.63 -18.35 -28.36
C THR A 451 11.54 -17.48 -29.21
N ASN A 452 11.20 -16.21 -29.40
CA ASN A 452 11.97 -15.33 -30.26
C ASN A 452 13.13 -14.64 -29.56
N CYS A 453 13.18 -14.64 -28.23
CA CYS A 453 14.25 -13.96 -27.52
C CYS A 453 15.53 -14.78 -27.54
N LYS A 454 16.66 -14.11 -27.31
CA LYS A 454 17.95 -14.77 -27.20
C LYS A 454 18.45 -14.72 -25.77
N LYS A 455 19.51 -15.50 -25.52
CA LYS A 455 19.93 -15.74 -24.15
C LYS A 455 20.54 -14.51 -23.47
N ASP A 456 20.99 -13.53 -24.24
CA ASP A 456 21.55 -12.31 -23.65
C ASP A 456 20.53 -11.18 -23.60
N ASP A 457 19.27 -11.46 -23.93
CA ASP A 457 18.23 -10.44 -23.85
C ASP A 457 17.67 -10.34 -22.44
N THR A 458 16.93 -9.27 -22.20
CA THR A 458 16.17 -9.06 -20.97
C THR A 458 14.69 -9.10 -21.31
N ILE A 459 13.89 -9.77 -20.49
CA ILE A 459 12.44 -9.76 -20.65
C ILE A 459 11.85 -9.09 -19.41
N LEU A 460 11.22 -7.93 -19.60
CA LEU A 460 10.55 -7.21 -18.53
C LEU A 460 9.05 -7.45 -18.67
N LEU A 461 8.43 -8.01 -17.63
CA LEU A 461 6.98 -8.19 -17.57
C LEU A 461 6.40 -7.11 -16.66
N ILE A 462 5.45 -6.33 -17.16
CA ILE A 462 4.87 -5.29 -16.30
C ILE A 462 3.36 -5.36 -16.37
N GLY A 463 2.74 -5.02 -15.26
CA GLY A 463 1.29 -5.00 -15.17
C GLY A 463 0.84 -5.43 -13.80
N ALA A 464 -0.42 -5.13 -13.50
CA ALA A 464 -1.02 -5.46 -12.22
C ALA A 464 -1.68 -6.82 -12.28
N GLN A 465 -3.00 -6.88 -12.07
CA GLN A 465 -3.71 -8.17 -12.09
C GLN A 465 -3.48 -8.91 -13.41
N GLY A 466 -3.40 -8.17 -14.51
CA GLY A 466 -3.14 -8.76 -15.81
C GLY A 466 -1.80 -9.47 -15.94
N MET A 467 -0.81 -9.14 -15.10
CA MET A 467 0.48 -9.81 -15.17
C MET A 467 0.77 -10.68 -13.97
N ASP A 468 -0.01 -10.58 -12.88
CA ASP A 468 0.10 -11.49 -11.73
C ASP A 468 0.27 -12.96 -12.11
N PRO A 469 -0.46 -13.50 -13.08
CA PRO A 469 -0.35 -14.94 -13.37
C PRO A 469 0.89 -15.34 -14.16
N ALA A 470 1.75 -14.40 -14.55
CA ALA A 470 2.82 -14.74 -15.50
C ALA A 470 3.78 -15.77 -14.92
N SER A 471 4.13 -15.65 -13.64
CA SER A 471 5.05 -16.60 -13.03
C SER A 471 4.56 -18.04 -13.18
N LYS A 472 3.29 -18.29 -12.86
CA LYS A 472 2.78 -19.65 -12.97
C LYS A 472 2.72 -20.11 -14.42
N LEU A 473 2.39 -19.20 -15.34
CA LEU A 473 2.39 -19.56 -16.76
C LEU A 473 3.79 -19.88 -17.25
N LEU A 474 4.82 -19.18 -16.75
CA LEU A 474 6.18 -19.46 -17.17
C LEU A 474 6.67 -20.80 -16.61
N LYS A 475 6.23 -21.17 -15.41
CA LYS A 475 6.49 -22.52 -14.93
C LYS A 475 5.74 -23.55 -15.77
N LYS A 476 4.47 -23.26 -16.09
CA LYS A 476 3.66 -24.15 -16.90
C LYS A 476 4.34 -24.50 -18.22
N ILE A 477 4.76 -23.47 -18.96
CA ILE A 477 5.39 -23.69 -20.26
C ILE A 477 6.87 -24.00 -20.07
N LYS A 478 7.26 -24.31 -18.84
CA LYS A 478 8.58 -24.88 -18.51
C LYS A 478 9.73 -23.92 -18.79
N VAL A 479 9.48 -22.60 -18.79
CA VAL A 479 10.59 -21.64 -18.83
C VAL A 479 11.27 -21.57 -17.47
N ILE A 480 10.48 -21.56 -16.40
CA ILE A 480 10.94 -21.48 -15.02
C ILE A 480 10.81 -22.86 -14.40
N PRO A 481 11.79 -23.31 -13.59
CA PRO A 481 13.05 -22.65 -13.25
C PRO A 481 14.09 -22.75 -14.36
N CYS A 482 15.06 -21.82 -14.34
CA CYS A 482 16.15 -21.78 -15.30
C CYS A 482 17.39 -22.49 -14.76
MG MG B . 8.12 -0.98 -5.06
S SO4 C . -6.63 -1.90 -7.91
O1 SO4 C . -5.53 -2.77 -8.35
O2 SO4 C . -6.88 -0.89 -8.94
O3 SO4 C . -7.82 -2.69 -7.69
O4 SO4 C . -6.24 -1.24 -6.66
S SO4 D . -3.70 -14.12 -29.46
O1 SO4 D . -4.62 -15.20 -29.83
O2 SO4 D . -2.45 -14.30 -30.19
O3 SO4 D . -4.26 -12.82 -29.81
O4 SO4 D . -3.46 -14.19 -28.02
S SO4 E . -16.87 -11.13 8.30
O1 SO4 E . -16.56 -11.84 7.05
O2 SO4 E . -18.31 -11.01 8.43
O3 SO4 E . -16.29 -9.80 8.25
O4 SO4 E . -16.30 -11.88 9.42
S SO4 F . 5.08 -1.03 -3.18
O1 SO4 F . 4.91 0.02 -4.18
O2 SO4 F . 6.17 -1.95 -3.62
O3 SO4 F . 3.85 -1.80 -3.07
O4 SO4 F . 5.47 -0.45 -1.92
#